data_7K03
#
_entry.id   7K03
#
_cell.length_a   45.500
_cell.length_b   54.320
_cell.length_c   122.710
_cell.angle_alpha   90.000
_cell.angle_beta   90.000
_cell.angle_gamma   90.000
#
_symmetry.space_group_name_H-M   'P 21 21 21'
#
loop_
_entity.id
_entity.type
_entity.pdbx_description
1 polymer 'Transcription initiation factor TFIID subunit 1'
2 non-polymer 4-(4-{1-[(R)-amino(hydroxy)methyl-lambda~4~-sulfanyl]cyclopropyl}-6-[(3R)-3-methylmorpholin-4-yl]pyrimidin-2-yl)-1H-pyrrolo[2,3-b]pyridine
3 non-polymer 1,2-ETHANEDIOL
4 water water
#
_entity_poly.entity_id   1
_entity_poly.type   'polypeptide(L)'
_entity_poly.pdbx_seq_one_letter_code
;SMSIHRRRTDPMVTLSSILESIINDMRDLPNTYPFHTPVNAKVVKDYYKIITRPMDLQTLRENVRKRLYPSREEFREHLE
LIVKNSATYNGPKHSLTQISQSMLDLCDEKLKEKEDKLARLEKAINPLLDDDDQVAFSFILDNIVTQKMMAVPDSWPFHH
PVNKKFVPDYYKVIVNPMDLETIRKNISKHKYQSRESFLDDVNLILANSVKYNGPESQYTKTAQEIVNVCYQTLTEYDEH
LTQLEKDICTAKEAALEEAELESLD
;
_entity_poly.pdbx_strand_id   A
#
loop_
_chem_comp.id
_chem_comp.type
_chem_comp.name
_chem_comp.formula
EDO non-polymer 1,2-ETHANEDIOL 'C2 H6 O2'
VJM non-polymer 4-(4-{1-[(R)-amino(hydroxy)methyl-lambda~4~-sulfanyl]cyclopropyl}-6-[(3R)-3-methylmorpholin-4-yl]pyrimidin-2-yl)-1H-pyrrolo[2,3-b]pyridine 'C20 H26 N6 O2 S'
#
# COMPACT_ATOMS: atom_id res chain seq x y z
N ARG A 8 -4.56 18.95 24.15
CA ARG A 8 -5.00 18.03 25.20
C ARG A 8 -5.37 16.68 24.61
N THR A 9 -6.21 16.73 23.59
CA THR A 9 -6.75 15.53 22.98
C THR A 9 -5.69 14.87 22.10
N ASP A 10 -5.54 13.56 22.24
CA ASP A 10 -4.61 12.81 21.40
C ASP A 10 -5.29 12.48 20.09
N PRO A 11 -4.85 13.09 18.97
CA PRO A 11 -5.56 12.84 17.70
C PRO A 11 -5.54 11.39 17.25
N MET A 12 -4.56 10.59 17.71
CA MET A 12 -4.55 9.17 17.36
C MET A 12 -5.73 8.46 18.00
N VAL A 13 -6.12 8.88 19.21
CA VAL A 13 -7.29 8.30 19.85
C VAL A 13 -8.55 8.66 19.08
N THR A 14 -8.69 9.92 18.71
CA THR A 14 -9.87 10.35 17.97
C THR A 14 -9.96 9.61 16.64
N LEU A 15 -8.85 9.55 15.91
CA LEU A 15 -8.83 8.82 14.65
C LEU A 15 -9.22 7.36 14.85
N SER A 16 -8.63 6.73 15.86
CA SER A 16 -8.91 5.32 16.10
C SER A 16 -10.38 5.09 16.40
N SER A 17 -11.03 6.00 17.13
CA SER A 17 -12.45 5.83 17.44
C SER A 17 -13.28 5.89 16.18
N ILE A 18 -12.93 6.80 15.26
CA ILE A 18 -13.63 6.89 14.00
C ILE A 18 -13.48 5.60 13.22
N LEU A 19 -12.25 5.07 13.16
CA LEU A 19 -12.00 3.84 12.42
C LEU A 19 -12.78 2.67 13.00
N GLU A 20 -12.79 2.54 14.34
CA GLU A 20 -13.57 1.49 14.99
C GLU A 20 -15.04 1.62 14.67
N SER A 21 -15.57 2.85 14.66
CA SER A 21 -16.99 3.03 14.31
C SER A 21 -17.28 2.52 12.91
N ILE A 22 -16.37 2.76 11.97
CA ILE A 22 -16.56 2.26 10.62
C ILE A 22 -16.57 0.74 10.62
N ILE A 23 -15.67 0.12 11.41
CA ILE A 23 -15.68 -1.34 11.50
C ILE A 23 -17.01 -1.84 12.04
N ASN A 24 -17.55 -1.16 13.06
CA ASN A 24 -18.86 -1.55 13.57
C ASN A 24 -19.90 -1.50 12.48
N ASP A 25 -19.89 -0.44 11.66
CA ASP A 25 -20.89 -0.30 10.62
C ASP A 25 -20.74 -1.37 9.55
N MET A 26 -19.50 -1.71 9.19
CA MET A 26 -19.27 -2.75 8.19
C MET A 26 -19.67 -4.13 8.70
N ARG A 27 -19.35 -4.43 9.96
CA ARG A 27 -19.75 -5.68 10.57
C ARG A 27 -21.27 -5.88 10.53
N ASP A 28 -22.05 -4.80 10.67
CA ASP A 28 -23.52 -4.82 10.68
C ASP A 28 -24.13 -5.06 9.30
N LEU A 29 -23.36 -4.98 8.22
CA LEU A 29 -23.92 -5.22 6.90
C LEU A 29 -24.30 -6.69 6.74
N PRO A 30 -25.32 -6.98 5.92
CA PRO A 30 -25.80 -8.35 5.81
C PRO A 30 -24.76 -9.32 5.24
N ASN A 31 -24.78 -10.52 5.78
CA ASN A 31 -24.05 -11.66 5.27
C ASN A 31 -22.53 -11.51 5.40
N THR A 32 -22.07 -10.56 6.21
CA THR A 32 -20.63 -10.31 6.33
C THR A 32 -19.91 -11.22 7.32
N TYR A 33 -20.59 -12.12 8.04
CA TYR A 33 -19.93 -12.89 9.08
C TYR A 33 -18.68 -13.64 8.61
N PRO A 34 -18.62 -14.18 7.38
CA PRO A 34 -17.39 -14.88 6.98
C PRO A 34 -16.17 -14.02 7.01
N PHE A 35 -16.33 -12.70 7.08
CA PHE A 35 -15.22 -11.77 7.14
C PHE A 35 -14.97 -11.21 8.54
N HIS A 36 -15.73 -11.64 9.56
CA HIS A 36 -15.60 -11.00 10.85
C HIS A 36 -14.36 -11.47 11.60
N THR A 37 -13.86 -12.65 11.28
CA THR A 37 -12.73 -13.23 12.01
C THR A 37 -11.81 -13.90 11.01
N PRO A 38 -10.58 -14.23 11.41
CA PRO A 38 -9.66 -14.84 10.45
C PRO A 38 -10.19 -16.13 9.87
N VAL A 39 -9.85 -16.36 8.60
CA VAL A 39 -10.08 -17.67 8.01
C VAL A 39 -9.36 -18.73 8.80
N ASN A 40 -10.05 -19.84 9.06
CA ASN A 40 -9.46 -20.99 9.75
C ASN A 40 -8.69 -21.78 8.70
N ALA A 41 -7.38 -21.59 8.62
CA ALA A 41 -6.61 -22.21 7.56
C ALA A 41 -6.37 -23.69 7.77
N LYS A 42 -6.82 -24.27 8.89
CA LYS A 42 -6.83 -25.72 9.03
C LYS A 42 -8.08 -26.36 8.47
N VAL A 43 -9.20 -25.64 8.45
CA VAL A 43 -10.38 -26.11 7.76
C VAL A 43 -10.31 -25.77 6.27
N VAL A 44 -9.87 -24.57 5.94
CA VAL A 44 -9.69 -24.17 4.55
C VAL A 44 -8.23 -24.46 4.23
N LYS A 45 -7.95 -25.73 3.90
CA LYS A 45 -6.58 -26.25 4.01
C LYS A 45 -5.65 -25.67 2.97
N ASP A 46 -6.17 -25.17 1.85
CA ASP A 46 -5.32 -24.58 0.82
C ASP A 46 -5.25 -23.07 0.91
N TYR A 47 -5.80 -22.47 1.97
CA TYR A 47 -5.96 -21.03 2.00
C TYR A 47 -4.62 -20.30 1.87
N TYR A 48 -3.61 -20.69 2.67
CA TYR A 48 -2.35 -19.95 2.62
C TYR A 48 -1.49 -20.33 1.40
N LYS A 49 -1.86 -21.39 0.67
CA LYS A 49 -1.22 -21.67 -0.59
C LYS A 49 -1.67 -20.71 -1.69
N ILE A 50 -2.79 -20.03 -1.46
CA ILE A 50 -3.39 -19.12 -2.42
C ILE A 50 -3.28 -17.66 -1.95
N ILE A 51 -3.41 -17.41 -0.65
CA ILE A 51 -3.50 -16.06 -0.09
C ILE A 51 -2.23 -15.74 0.67
N THR A 52 -1.69 -14.55 0.44
CA THR A 52 -0.43 -14.10 1.02
C THR A 52 -0.63 -13.14 2.19
N ARG A 53 -1.67 -12.31 2.17
CA ARG A 53 -1.88 -11.26 3.17
C ARG A 53 -3.29 -11.40 3.71
N PRO A 54 -3.51 -12.36 4.60
CA PRO A 54 -4.84 -12.54 5.19
C PRO A 54 -5.29 -11.32 5.98
N MET A 55 -6.59 -11.07 5.96
CA MET A 55 -7.15 -9.97 6.73
C MET A 55 -8.63 -10.24 7.00
N ASP A 56 -9.13 -9.64 8.08
CA ASP A 56 -10.52 -9.80 8.52
C ASP A 56 -10.83 -8.64 9.46
N LEU A 57 -12.10 -8.50 9.80
CA LEU A 57 -12.49 -7.33 10.60
C LEU A 57 -11.99 -7.38 12.04
N GLN A 58 -11.82 -8.57 12.65
CA GLN A 58 -11.32 -8.63 14.02
C GLN A 58 -9.86 -8.21 14.06
N THR A 59 -9.07 -8.70 13.11
CA THR A 59 -7.68 -8.30 13.02
C THR A 59 -7.57 -6.80 12.74
N LEU A 60 -8.42 -6.30 11.84
CA LEU A 60 -8.45 -4.87 11.56
C LEU A 60 -8.73 -4.06 12.81
N ARG A 61 -9.71 -4.50 13.61
CA ARG A 61 -10.06 -3.77 14.81
C ARG A 61 -8.93 -3.82 15.84
N GLU A 62 -8.30 -4.98 16.00
CA GLU A 62 -7.20 -5.08 16.93
C GLU A 62 -6.04 -4.19 16.50
N ASN A 63 -5.84 -4.07 15.19
CA ASN A 63 -4.79 -3.21 14.68
C ASN A 63 -5.12 -1.74 14.95
N VAL A 64 -6.38 -1.36 14.79
CA VAL A 64 -6.78 -0.01 15.19
C VAL A 64 -6.42 0.25 16.64
N ARG A 65 -6.75 -0.70 17.49
CA ARG A 65 -6.52 -0.54 18.92
C ARG A 65 -5.03 -0.60 19.25
N LYS A 66 -4.22 -1.24 18.42
CA LYS A 66 -2.78 -1.16 18.56
C LYS A 66 -2.20 0.15 18.03
N ARG A 67 -3.06 1.09 17.65
CA ARG A 67 -2.62 2.39 17.11
C ARG A 67 -1.70 2.21 15.91
N LEU A 68 -2.05 1.26 15.04
CA LEU A 68 -1.23 0.93 13.89
C LEU A 68 -1.53 1.78 12.66
N TYR A 69 -2.67 2.47 12.62
CA TYR A 69 -3.06 3.24 11.45
C TYR A 69 -3.00 4.72 11.77
N PRO A 70 -1.98 5.43 11.29
CA PRO A 70 -1.91 6.89 11.52
C PRO A 70 -2.75 7.69 10.53
N SER A 71 -3.35 7.05 9.54
CA SER A 71 -4.20 7.76 8.61
C SER A 71 -5.20 6.79 8.02
N ARG A 72 -6.14 7.34 7.25
CA ARG A 72 -7.14 6.48 6.65
C ARG A 72 -6.52 5.59 5.58
N GLU A 73 -5.38 5.97 5.01
CA GLU A 73 -4.76 5.20 3.91
C GLU A 73 -4.37 3.81 4.39
N GLU A 74 -3.63 3.73 5.49
CA GLU A 74 -3.13 2.44 5.97
C GLU A 74 -4.29 1.53 6.35
N PHE A 75 -5.33 2.11 6.98
CA PHE A 75 -6.54 1.38 7.34
C PHE A 75 -7.23 0.81 6.10
N ARG A 76 -7.42 1.66 5.10
CA ARG A 76 -8.15 1.23 3.92
C ARG A 76 -7.37 0.17 3.17
N GLU A 77 -6.05 0.28 3.13
CA GLU A 77 -5.26 -0.74 2.44
CA GLU A 77 -5.25 -0.74 2.44
C GLU A 77 -5.50 -2.12 3.03
N HIS A 78 -5.53 -2.20 4.36
CA HIS A 78 -5.80 -3.50 4.97
C HIS A 78 -7.23 -3.94 4.72
N LEU A 79 -8.20 -3.02 4.84
CA LEU A 79 -9.58 -3.37 4.55
C LEU A 79 -9.72 -3.93 3.14
N GLU A 80 -9.08 -3.28 2.16
CA GLU A 80 -9.20 -3.73 0.78
C GLU A 80 -8.64 -5.15 0.58
N LEU A 81 -7.70 -5.58 1.42
CA LEU A 81 -7.21 -6.96 1.31
C LEU A 81 -8.32 -7.98 1.47
N ILE A 82 -9.31 -7.67 2.32
CA ILE A 82 -10.42 -8.57 2.51
C ILE A 82 -11.13 -8.84 1.19
N VAL A 83 -11.33 -7.78 0.40
CA VAL A 83 -12.00 -7.89 -0.88
C VAL A 83 -11.10 -8.61 -1.87
N LYS A 84 -9.84 -8.16 -1.96
CA LYS A 84 -8.91 -8.77 -2.90
C LYS A 84 -8.74 -10.26 -2.63
N ASN A 85 -8.61 -10.64 -1.36
CA ASN A 85 -8.45 -12.04 -1.03
C ASN A 85 -9.68 -12.84 -1.44
N SER A 86 -10.88 -12.28 -1.25
CA SER A 86 -12.07 -13.00 -1.66
C SER A 86 -12.16 -13.12 -3.17
N ALA A 87 -11.80 -12.05 -3.90
CA ALA A 87 -11.82 -12.13 -5.35
C ALA A 87 -10.91 -13.24 -5.86
N THR A 88 -9.72 -13.38 -5.24
CA THR A 88 -8.79 -14.43 -5.61
C THR A 88 -9.27 -15.80 -5.21
N TYR A 89 -9.69 -15.96 -3.94
CA TYR A 89 -9.98 -17.29 -3.44
C TYR A 89 -11.34 -17.79 -3.89
N ASN A 90 -12.38 -16.94 -3.77
CA ASN A 90 -13.76 -17.30 -4.12
C ASN A 90 -14.17 -16.92 -5.53
N GLY A 91 -13.59 -15.87 -6.10
CA GLY A 91 -13.88 -15.44 -7.43
C GLY A 91 -14.39 -14.01 -7.47
N PRO A 92 -14.19 -13.34 -8.59
CA PRO A 92 -14.49 -11.91 -8.65
C PRO A 92 -15.96 -11.57 -8.52
N LYS A 93 -16.87 -12.47 -8.91
CA LYS A 93 -18.30 -12.23 -8.83
C LYS A 93 -19.01 -13.08 -7.78
N HIS A 94 -18.27 -13.89 -7.03
CA HIS A 94 -18.83 -14.68 -5.95
C HIS A 94 -19.58 -13.78 -4.99
N SER A 95 -20.70 -14.28 -4.45
CA SER A 95 -21.42 -13.50 -3.45
C SER A 95 -20.50 -13.02 -2.34
N LEU A 96 -19.54 -13.86 -1.90
CA LEU A 96 -18.68 -13.42 -0.81
C LEU A 96 -17.85 -12.21 -1.22
N THR A 97 -17.47 -12.13 -2.49
CA THR A 97 -16.69 -10.98 -2.93
C THR A 97 -17.57 -9.75 -3.01
N GLN A 98 -18.82 -9.92 -3.45
CA GLN A 98 -19.75 -8.81 -3.44
C GLN A 98 -20.02 -8.33 -2.02
N ILE A 99 -20.13 -9.26 -1.07
CA ILE A 99 -20.35 -8.90 0.33
C ILE A 99 -19.15 -8.11 0.86
N SER A 100 -17.94 -8.59 0.60
CA SER A 100 -16.78 -7.84 1.09
C SER A 100 -16.72 -6.47 0.45
N GLN A 101 -17.08 -6.35 -0.85
CA GLN A 101 -17.08 -5.05 -1.50
C GLN A 101 -18.09 -4.11 -0.87
N SER A 102 -19.23 -4.66 -0.38
CA SER A 102 -20.19 -3.79 0.28
C SER A 102 -19.59 -3.15 1.53
N MET A 103 -18.68 -3.85 2.21
CA MET A 103 -17.99 -3.28 3.36
C MET A 103 -17.07 -2.14 2.93
N LEU A 104 -16.27 -2.38 1.89
CA LEU A 104 -15.36 -1.33 1.40
C LEU A 104 -16.14 -0.12 0.91
N ASP A 105 -17.28 -0.33 0.24
CA ASP A 105 -18.10 0.78 -0.24
C ASP A 105 -18.60 1.63 0.93
N LEU A 106 -19.07 0.98 1.99
CA LEU A 106 -19.52 1.72 3.17
C LEU A 106 -18.38 2.49 3.80
N CYS A 107 -17.21 1.86 3.94
CA CYS A 107 -16.04 2.57 4.45
C CYS A 107 -15.80 3.83 3.63
N ASP A 108 -15.80 3.69 2.30
CA ASP A 108 -15.51 4.85 1.47
C ASP A 108 -16.55 5.94 1.67
N GLU A 109 -17.83 5.57 1.87
CA GLU A 109 -18.83 6.59 2.11
C GLU A 109 -18.56 7.30 3.42
N LYS A 110 -18.19 6.55 4.46
CA LYS A 110 -17.94 7.18 5.76
C LYS A 110 -16.68 8.05 5.71
N LEU A 111 -15.63 7.59 5.04
CA LEU A 111 -14.43 8.42 4.91
C LEU A 111 -14.74 9.71 4.16
N LYS A 112 -15.58 9.66 3.14
CA LYS A 112 -15.93 10.87 2.41
C LYS A 112 -16.71 11.83 3.29
N GLU A 113 -17.69 11.31 4.03
CA GLU A 113 -18.44 12.16 4.95
C GLU A 113 -17.51 12.92 5.90
N LYS A 114 -16.46 12.25 6.39
CA LYS A 114 -15.59 12.79 7.43
C LYS A 114 -14.26 13.30 6.89
N GLU A 115 -14.16 13.61 5.60
CA GLU A 115 -12.83 13.76 5.02
C GLU A 115 -12.09 14.95 5.60
N ASP A 116 -12.77 16.05 5.89
CA ASP A 116 -12.04 17.22 6.38
C ASP A 116 -11.58 17.00 7.82
N LYS A 117 -12.42 16.37 8.65
CA LYS A 117 -12.05 15.98 10.00
C LYS A 117 -10.86 15.05 9.99
N LEU A 118 -10.91 14.04 9.13
CA LEU A 118 -9.82 13.08 9.03
C LEU A 118 -8.54 13.77 8.59
N ALA A 119 -8.63 14.68 7.62
CA ALA A 119 -7.42 15.37 7.18
C ALA A 119 -6.79 16.15 8.32
N ARG A 120 -7.61 16.80 9.15
CA ARG A 120 -7.07 17.56 10.28
C ARG A 120 -6.38 16.64 11.27
N LEU A 121 -7.02 15.51 11.59
CA LEU A 121 -6.39 14.57 12.52
C LEU A 121 -5.08 14.03 11.96
N GLU A 122 -5.08 13.68 10.67
CA GLU A 122 -3.92 13.08 10.04
C GLU A 122 -2.73 14.03 10.05
N LYS A 123 -2.98 15.33 9.80
CA LYS A 123 -1.90 16.31 9.83
C LYS A 123 -1.44 16.60 11.24
N ALA A 124 -2.33 16.47 12.23
CA ALA A 124 -1.90 16.64 13.62
C ALA A 124 -1.00 15.48 14.04
N ILE A 125 -1.34 14.28 13.59
CA ILE A 125 -0.52 13.10 13.90
C ILE A 125 0.81 13.18 13.18
N ASN A 126 0.81 13.62 11.92
CA ASN A 126 2.02 13.67 11.11
C ASN A 126 2.04 14.96 10.28
N PRO A 127 2.64 16.03 10.80
CA PRO A 127 2.59 17.31 10.08
C PRO A 127 3.20 17.27 8.69
N LEU A 128 4.03 16.28 8.38
CA LEU A 128 4.61 16.21 7.04
C LEU A 128 3.55 15.97 5.97
N LEU A 129 2.41 15.40 6.33
CA LEU A 129 1.34 15.20 5.36
C LEU A 129 0.81 16.51 4.81
N ASP A 130 1.04 17.62 5.50
CA ASP A 130 0.59 18.93 5.05
C ASP A 130 1.75 19.84 4.69
N ASP A 131 2.97 19.30 4.57
CA ASP A 131 4.13 20.11 4.22
C ASP A 131 4.25 20.21 2.69
N ASP A 132 4.34 21.44 2.19
CA ASP A 132 4.22 21.58 0.74
C ASP A 132 5.43 21.00 0.01
N ASP A 133 6.61 20.97 0.66
CA ASP A 133 7.76 20.35 0.01
C ASP A 133 7.65 18.83 0.03
N GLN A 134 7.14 18.24 1.10
CA GLN A 134 6.89 16.81 1.08
C GLN A 134 5.88 16.46 -0.01
N VAL A 135 4.81 17.24 -0.11
CA VAL A 135 3.78 16.95 -1.11
C VAL A 135 4.35 17.07 -2.50
N ALA A 136 5.17 18.11 -2.74
CA ALA A 136 5.76 18.30 -4.06
C ALA A 136 6.75 17.19 -4.39
N PHE A 137 7.53 16.75 -3.38
CA PHE A 137 8.51 15.69 -3.58
C PHE A 137 7.83 14.40 -3.95
N SER A 138 6.78 14.05 -3.20
CA SER A 138 6.02 12.84 -3.48
C SER A 138 5.37 12.90 -4.86
N PHE A 139 4.83 14.05 -5.24
CA PHE A 139 4.24 14.21 -6.58
C PHE A 139 5.25 13.89 -7.67
N ILE A 140 6.48 14.38 -7.54
CA ILE A 140 7.51 14.13 -8.54
C ILE A 140 7.83 12.64 -8.61
N LEU A 141 8.02 12.01 -7.44
CA LEU A 141 8.30 10.57 -7.42
C LEU A 141 7.19 9.78 -8.10
N ASP A 142 5.93 10.12 -7.82
CA ASP A 142 4.85 9.37 -8.44
C ASP A 142 4.89 9.50 -9.96
N ASN A 143 5.20 10.69 -10.46
CA ASN A 143 5.28 10.90 -11.90
C ASN A 143 6.44 10.13 -12.51
N ILE A 144 7.58 10.03 -11.81
CA ILE A 144 8.65 9.18 -12.31
C ILE A 144 8.16 7.74 -12.42
N VAL A 145 7.43 7.26 -11.41
CA VAL A 145 6.97 5.88 -11.46
C VAL A 145 6.01 5.67 -12.62
N THR A 146 4.98 6.53 -12.76
CA THR A 146 3.95 6.25 -13.75
C THR A 146 4.35 6.63 -15.17
N GLN A 147 5.08 7.74 -15.34
CA GLN A 147 5.40 8.23 -16.69
C GLN A 147 6.70 7.69 -17.24
N LYS A 148 7.62 7.26 -16.39
CA LYS A 148 8.92 6.76 -16.82
C LYS A 148 9.07 5.26 -16.57
N MET A 149 8.92 4.83 -15.31
CA MET A 149 9.24 3.46 -14.96
C MET A 149 8.17 2.48 -15.48
N MET A 150 6.89 2.82 -15.28
CA MET A 150 5.82 1.97 -15.79
C MET A 150 5.69 2.04 -17.31
N ALA A 151 6.29 3.04 -17.96
CA ALA A 151 6.27 3.14 -19.41
C ALA A 151 7.32 2.26 -20.09
N VAL A 152 8.22 1.67 -19.32
CA VAL A 152 9.21 0.75 -19.90
C VAL A 152 8.48 -0.38 -20.62
N PRO A 153 8.84 -0.72 -21.85
CA PRO A 153 8.12 -1.80 -22.53
C PRO A 153 8.14 -3.11 -21.76
N ASP A 154 6.98 -3.78 -21.75
CA ASP A 154 6.82 -5.08 -21.14
C ASP A 154 7.17 -5.07 -19.65
N SER A 155 6.95 -3.94 -18.97
CA SER A 155 7.25 -3.81 -17.55
C SER A 155 6.12 -4.32 -16.67
N TRP A 156 5.02 -4.81 -17.27
CA TRP A 156 3.85 -5.23 -16.50
C TRP A 156 4.14 -6.23 -15.37
N PRO A 157 5.12 -7.13 -15.45
CA PRO A 157 5.31 -8.06 -14.32
C PRO A 157 5.65 -7.35 -13.03
N PHE A 158 6.16 -6.13 -13.11
CA PHE A 158 6.64 -5.35 -11.98
C PHE A 158 5.67 -4.25 -11.56
N HIS A 159 4.49 -4.16 -12.20
CA HIS A 159 3.58 -3.07 -11.88
C HIS A 159 2.78 -3.31 -10.61
N HIS A 160 2.61 -4.56 -10.19
CA HIS A 160 1.73 -4.92 -9.09
C HIS A 160 2.35 -6.08 -8.32
N PRO A 161 1.87 -6.31 -7.09
CA PRO A 161 2.35 -7.51 -6.37
C PRO A 161 1.96 -8.77 -7.13
N VAL A 162 2.84 -9.77 -7.06
CA VAL A 162 2.53 -11.06 -7.64
C VAL A 162 1.36 -11.68 -6.90
N ASN A 163 0.44 -12.26 -7.64
CA ASN A 163 -0.65 -13.02 -7.06
C ASN A 163 -0.20 -14.46 -6.96
N LYS A 164 -0.04 -14.95 -5.74
CA LYS A 164 0.41 -16.33 -5.49
C LYS A 164 -0.49 -17.35 -6.19
N LYS A 165 -1.75 -17.03 -6.48
CA LYS A 165 -2.57 -18.01 -7.19
C LYS A 165 -2.01 -18.30 -8.56
N PHE A 166 -1.42 -17.29 -9.20
CA PHE A 166 -0.91 -17.40 -10.57
C PHE A 166 0.56 -17.79 -10.65
N VAL A 167 1.32 -17.55 -9.59
CA VAL A 167 2.74 -17.91 -9.53
C VAL A 167 2.94 -18.57 -8.16
N PRO A 168 2.60 -19.85 -8.01
CA PRO A 168 2.43 -20.42 -6.67
C PRO A 168 3.68 -20.48 -5.82
N ASP A 169 4.87 -20.54 -6.40
CA ASP A 169 6.08 -20.60 -5.59
C ASP A 169 6.76 -19.24 -5.40
N TYR A 170 6.13 -18.14 -5.81
CA TYR A 170 6.86 -16.87 -5.88
C TYR A 170 7.39 -16.45 -4.51
N TYR A 171 6.54 -16.50 -3.49
CA TYR A 171 6.85 -15.99 -2.16
C TYR A 171 7.62 -16.99 -1.32
N LYS A 172 7.74 -18.22 -1.79
CA LYS A 172 8.71 -19.10 -1.18
C LYS A 172 10.12 -18.68 -1.56
N VAL A 173 10.29 -18.18 -2.78
CA VAL A 173 11.61 -17.71 -3.23
C VAL A 173 11.85 -16.27 -2.79
N ILE A 174 10.84 -15.42 -2.95
CA ILE A 174 10.94 -13.99 -2.71
C ILE A 174 10.22 -13.68 -1.41
N VAL A 175 10.97 -13.56 -0.33
CA VAL A 175 10.35 -13.28 0.98
C VAL A 175 10.26 -11.80 1.29
N ASN A 176 10.93 -10.95 0.52
CA ASN A 176 10.93 -9.50 0.71
C ASN A 176 10.46 -8.87 -0.60
N PRO A 177 9.19 -9.05 -0.96
CA PRO A 177 8.70 -8.60 -2.28
C PRO A 177 8.56 -7.08 -2.36
N MET A 178 8.62 -6.60 -3.61
CA MET A 178 8.38 -5.19 -3.87
C MET A 178 7.93 -5.06 -5.32
N ASP A 179 7.16 -4.01 -5.58
CA ASP A 179 6.59 -3.77 -6.89
C ASP A 179 6.23 -2.29 -6.99
N LEU A 180 5.93 -1.85 -8.22
CA LEU A 180 5.75 -0.42 -8.42
C LEU A 180 4.45 0.11 -7.81
N GLU A 181 3.39 -0.72 -7.73
CA GLU A 181 2.17 -0.27 -7.08
C GLU A 181 2.43 -0.03 -5.60
N THR A 182 3.12 -0.96 -4.96
CA THR A 182 3.47 -0.77 -3.56
C THR A 182 4.28 0.49 -3.35
N ILE A 183 5.25 0.76 -4.24
CA ILE A 183 5.98 2.01 -4.17
C ILE A 183 5.03 3.21 -4.32
N ARG A 184 4.09 3.16 -5.27
CA ARG A 184 3.14 4.27 -5.40
C ARG A 184 2.31 4.44 -4.13
N LYS A 185 1.89 3.33 -3.51
CA LYS A 185 1.16 3.44 -2.25
C LYS A 185 2.02 4.08 -1.18
N ASN A 186 3.32 3.76 -1.18
CA ASN A 186 4.24 4.36 -0.22
C ASN A 186 4.38 5.85 -0.47
N ILE A 187 4.48 6.25 -1.75
CA ILE A 187 4.54 7.66 -2.10
C ILE A 187 3.27 8.36 -1.64
N SER A 188 2.11 7.74 -1.89
CA SER A 188 0.85 8.35 -1.48
C SER A 188 0.78 8.58 0.03
N LYS A 189 1.44 7.74 0.81
CA LYS A 189 1.52 7.88 2.25
C LYS A 189 2.69 8.75 2.69
N HIS A 190 3.43 9.33 1.74
CA HIS A 190 4.61 10.16 2.03
C HIS A 190 5.63 9.40 2.87
N LYS A 191 5.86 8.13 2.50
CA LYS A 191 6.84 7.31 3.20
C LYS A 191 8.27 7.76 2.90
N TYR A 192 8.49 8.40 1.74
CA TYR A 192 9.84 8.76 1.30
C TYR A 192 10.09 10.24 1.49
N GLN A 193 11.09 10.57 2.31
CA GLN A 193 11.53 11.93 2.53
C GLN A 193 12.76 12.28 1.70
N SER A 194 13.39 11.29 1.09
CA SER A 194 14.47 11.56 0.16
C SER A 194 14.59 10.37 -0.78
N ARG A 195 15.47 10.54 -1.77
CA ARG A 195 15.67 9.50 -2.78
C ARG A 195 16.26 8.23 -2.21
N GLU A 196 16.99 8.31 -1.11
CA GLU A 196 17.68 7.12 -0.61
C GLU A 196 16.70 5.98 -0.31
N SER A 197 15.64 6.25 0.45
CA SER A 197 14.72 5.17 0.78
C SER A 197 13.94 4.72 -0.44
N PHE A 198 13.58 5.66 -1.32
CA PHE A 198 12.92 5.34 -2.57
C PHE A 198 13.77 4.37 -3.38
N LEU A 199 15.06 4.67 -3.54
CA LEU A 199 15.92 3.79 -4.32
C LEU A 199 16.13 2.43 -3.67
N ASP A 200 16.08 2.32 -2.34
CA ASP A 200 16.12 1.01 -1.70
C ASP A 200 14.95 0.14 -2.18
N ASP A 201 13.74 0.70 -2.20
CA ASP A 201 12.60 -0.08 -2.69
C ASP A 201 12.69 -0.34 -4.20
N VAL A 202 13.12 0.63 -4.99
CA VAL A 202 13.24 0.40 -6.44
C VAL A 202 14.22 -0.73 -6.70
N ASN A 203 15.37 -0.69 -6.03
CA ASN A 203 16.37 -1.72 -6.25
C ASN A 203 15.93 -3.09 -5.75
N LEU A 204 15.05 -3.14 -4.77
CA LEU A 204 14.54 -4.44 -4.33
C LEU A 204 13.77 -5.14 -5.45
N ILE A 205 13.06 -4.38 -6.28
CA ILE A 205 12.40 -4.97 -7.43
C ILE A 205 13.41 -5.70 -8.32
N LEU A 206 14.53 -5.03 -8.63
CA LEU A 206 15.56 -5.63 -9.49
C LEU A 206 16.22 -6.83 -8.81
N ALA A 207 16.57 -6.70 -7.53
CA ALA A 207 17.17 -7.81 -6.81
C ALA A 207 16.26 -9.03 -6.80
N ASN A 208 14.96 -8.80 -6.61
CA ASN A 208 14.05 -9.94 -6.60
C ASN A 208 13.91 -10.58 -7.97
N SER A 209 14.04 -9.79 -9.04
CA SER A 209 14.04 -10.38 -10.38
C SER A 209 15.27 -11.24 -10.62
N VAL A 210 16.45 -10.75 -10.22
CA VAL A 210 17.67 -11.54 -10.33
C VAL A 210 17.49 -12.87 -9.61
N LYS A 211 16.88 -12.83 -8.42
CA LYS A 211 16.73 -14.03 -7.60
C LYS A 211 15.70 -14.99 -8.20
N TYR A 212 14.53 -14.48 -8.62
CA TYR A 212 13.47 -15.38 -9.06
C TYR A 212 13.64 -15.78 -10.52
N ASN A 213 14.04 -14.86 -11.37
CA ASN A 213 14.10 -15.11 -12.81
C ASN A 213 15.50 -15.39 -13.30
N GLY A 214 16.53 -14.98 -12.57
CA GLY A 214 17.89 -15.19 -13.00
C GLY A 214 18.46 -13.91 -13.57
N PRO A 215 19.79 -13.76 -13.51
CA PRO A 215 20.41 -12.51 -13.93
C PRO A 215 20.34 -12.26 -15.43
N GLU A 216 20.22 -13.29 -16.27
CA GLU A 216 20.21 -13.14 -17.72
C GLU A 216 18.80 -13.17 -18.31
N SER A 217 17.77 -13.26 -17.48
CA SER A 217 16.40 -13.38 -17.95
C SER A 217 15.95 -12.09 -18.63
N GLN A 218 15.07 -12.21 -19.63
CA GLN A 218 14.45 -11.01 -20.17
C GLN A 218 13.69 -10.23 -19.11
N TYR A 219 13.07 -10.89 -18.13
CA TYR A 219 12.43 -10.15 -17.06
C TYR A 219 13.41 -9.26 -16.30
N THR A 220 14.60 -9.79 -16.03
CA THR A 220 15.60 -9.01 -15.32
C THR A 220 16.13 -7.87 -16.17
N LYS A 221 16.25 -8.08 -17.49
CA LYS A 221 16.63 -6.99 -18.38
C LYS A 221 15.59 -5.88 -18.33
N THR A 222 14.32 -6.24 -18.26
CA THR A 222 13.27 -5.22 -18.13
C THR A 222 13.37 -4.52 -16.80
N ALA A 223 13.57 -5.28 -15.72
CA ALA A 223 13.74 -4.67 -14.42
C ALA A 223 14.94 -3.72 -14.39
N GLN A 224 16.05 -4.11 -15.05
CA GLN A 224 17.21 -3.23 -15.12
C GLN A 224 16.87 -1.94 -15.82
N GLU A 225 16.07 -2.03 -16.87
CA GLU A 225 15.67 -0.84 -17.61
C GLU A 225 14.81 0.09 -16.74
N ILE A 226 13.92 -0.49 -15.92
CA ILE A 226 13.12 0.28 -14.98
C ILE A 226 14.02 1.04 -14.01
N VAL A 227 15.01 0.36 -13.43
CA VAL A 227 15.94 1.00 -12.51
C VAL A 227 16.73 2.09 -13.22
N ASN A 228 17.21 1.80 -14.43
CA ASN A 228 18.05 2.77 -15.14
C ASN A 228 17.29 4.03 -15.50
N VAL A 229 16.03 3.91 -15.92
CA VAL A 229 15.27 5.12 -16.26
C VAL A 229 14.97 5.90 -14.98
N CYS A 230 14.87 5.20 -13.85
CA CYS A 230 14.70 5.89 -12.57
C CYS A 230 15.94 6.71 -12.25
N TYR A 231 17.12 6.12 -12.34
CA TYR A 231 18.35 6.87 -12.11
C TYR A 231 18.45 8.06 -13.06
N GLN A 232 18.17 7.83 -14.34
CA GLN A 232 18.30 8.88 -15.34
C GLN A 232 17.40 10.05 -15.01
N THR A 233 16.15 9.77 -14.61
CA THR A 233 15.20 10.84 -14.36
C THR A 233 15.51 11.56 -13.05
N LEU A 234 15.91 10.83 -12.01
CA LEU A 234 16.36 11.48 -10.79
C LEU A 234 17.53 12.41 -11.06
N THR A 235 18.46 11.99 -11.91
CA THR A 235 19.58 12.83 -12.25
C THR A 235 19.12 14.10 -12.94
N GLU A 236 18.18 13.96 -13.86
CA GLU A 236 17.68 15.13 -14.58
C GLU A 236 17.05 16.14 -13.64
N TYR A 237 16.41 15.67 -12.57
CA TYR A 237 15.74 16.52 -11.59
C TYR A 237 16.58 16.79 -10.35
N ASP A 238 17.88 16.52 -10.38
CA ASP A 238 18.66 16.48 -9.15
C ASP A 238 18.63 17.81 -8.38
N GLU A 239 18.79 18.94 -9.08
CA GLU A 239 18.87 20.21 -8.36
C GLU A 239 17.59 20.47 -7.59
N HIS A 240 16.45 20.25 -8.24
CA HIS A 240 15.16 20.47 -7.59
C HIS A 240 14.94 19.49 -6.45
N LEU A 241 15.21 18.21 -6.70
CA LEU A 241 15.01 17.22 -5.66
C LEU A 241 15.90 17.49 -4.44
N THR A 242 17.13 17.94 -4.67
CA THR A 242 18.01 18.21 -3.55
C THR A 242 17.45 19.30 -2.66
N GLN A 243 16.89 20.35 -3.26
CA GLN A 243 16.33 21.43 -2.47
C GLN A 243 15.10 20.94 -1.71
N LEU A 244 14.25 20.14 -2.37
CA LEU A 244 13.09 19.60 -1.68
C LEU A 244 13.51 18.75 -0.49
N GLU A 245 14.51 17.89 -0.70
CA GLU A 245 15.00 17.05 0.39
C GLU A 245 15.52 17.91 1.54
N LYS A 246 16.26 18.97 1.23
CA LYS A 246 16.78 19.84 2.28
C LYS A 246 15.65 20.47 3.06
N ASP A 247 14.62 20.95 2.36
CA ASP A 247 13.51 21.62 3.04
C ASP A 247 12.65 20.64 3.82
N ILE A 248 12.50 19.40 3.33
CA ILE A 248 11.80 18.39 4.12
C ILE A 248 12.55 18.10 5.41
N CYS A 249 13.86 17.98 5.34
CA CYS A 249 14.66 17.73 6.53
C CYS A 249 14.42 18.83 7.56
N THR A 250 14.45 20.08 7.12
CA THR A 250 14.18 21.21 8.01
C THR A 250 12.81 21.10 8.64
N ALA A 251 11.79 20.77 7.84
CA ALA A 251 10.44 20.63 8.38
C ALA A 251 10.38 19.49 9.39
N LYS A 252 11.14 18.43 9.14
CA LYS A 252 11.16 17.30 10.03
C LYS A 252 11.82 17.66 11.36
N GLU A 253 12.96 18.36 11.31
CA GLU A 253 13.60 18.81 12.54
C GLU A 253 12.65 19.66 13.37
N ALA A 254 11.82 20.48 12.71
CA ALA A 254 10.91 21.34 13.44
C ALA A 254 9.76 20.56 14.08
N ALA A 255 9.19 19.60 13.35
CA ALA A 255 8.05 18.85 13.86
C ALA A 255 8.42 18.09 15.13
C01 VJM B . 7.19 -14.18 -12.13
C02 VJM B . 7.14 -12.96 -13.07
C03 VJM B . 8.56 -12.48 -13.40
C05 VJM B . 8.41 -10.65 -11.92
C06 VJM B . 6.97 -11.06 -11.50
C08 VJM B . 4.97 -11.89 -12.68
C10 VJM B . 3.08 -13.02 -13.64
C12 VJM B . 2.71 -11.07 -12.33
C13 VJM B . 4.10 -10.96 -12.12
C14 VJM B . 1.79 -10.08 -11.74
C15 VJM B . 2.31 -8.88 -10.94
C16 VJM B . 1.75 -8.67 -12.34
C20 VJM B . -0.77 -11.14 -12.59
C21 VJM B . 2.61 -14.14 -14.38
C22 VJM B . 3.37 -14.82 -15.35
C23 VJM B . 4.64 -14.61 -15.90
C24 VJM B . 4.85 -15.61 -16.84
C26 VJM B . 2.85 -15.95 -15.98
C28 VJM B . 0.87 -15.83 -14.76
C29 VJM B . 1.35 -14.68 -14.08
N07 VJM B . 6.35 -11.84 -12.55
N09 VJM B . 4.43 -12.88 -13.42
N11 VJM B . 2.24 -12.13 -13.06
N18 VJM B . -0.55 -9.75 -10.24
N25 VJM B . 3.76 -16.41 -16.86
N27 VJM B . 1.63 -16.46 -15.68
O04 VJM B . 9.13 -11.83 -12.25
O19 VJM B . 0.55 -12.20 -10.41
S17 VJM B . 0.26 -10.84 -11.12
H011 VJM B . 7.83 -14.00 -11.40
H013 VJM B . 6.31 -14.35 -11.75
H012 VJM B . 7.49 -14.98 -12.63
H021 VJM B . 6.73 -13.32 -13.89
H031 VJM B . 8.53 -11.83 -14.15
H032 VJM B . 9.12 -13.24 -13.66
H052 VJM B . 8.86 -10.19 -11.18
H051 VJM B . 8.37 -10.06 -12.70
H062 VJM B . 7.01 -11.57 -10.66
H061 VJM B . 6.44 -10.24 -11.32
H131 VJM B . 4.44 -10.21 -11.57
H152 VJM B . 3.29 -8.81 -10.85
H151 VJM B . 1.73 -8.58 -10.20
H161 VJM B . 0.87 -8.25 -12.39
H162 VJM B . 2.42 -8.49 -13.04
H202 VJM B . -1.53 -11.70 -12.35
H201 VJM B . -0.23 -11.59 -13.28
H203 VJM B . -1.09 -10.28 -12.94
H231 VJM B . 5.26 -13.89 -15.66
H241 VJM B . 5.65 -15.69 -17.40
H281 VJM B . -0.03 -16.16 -14.57
H291 VJM B . 0.79 -14.27 -13.39
H1 VJM B . -1.14 -10.02 -9.59
H251 VJM B . 3.40 -16.80 -17.62
C1 EDO C . -13.24 -15.86 3.33
O1 EDO C . -13.00 -16.45 2.03
C2 EDO C . -14.67 -16.14 3.70
O2 EDO C . -14.91 -17.55 3.61
H11 EDO C . -12.56 -16.30 4.06
H12 EDO C . -13.05 -14.78 3.28
HO1 EDO C . -12.07 -16.34 1.80
H21 EDO C . -15.35 -15.60 3.03
H22 EDO C . -14.87 -15.80 4.72
HO2 EDO C . -15.84 -17.74 3.83
C1 EDO D . -0.56 -7.54 6.39
O1 EDO D . 0.27 -8.24 5.46
C2 EDO D . -1.92 -8.21 6.48
O2 EDO D . -1.84 -9.61 6.20
H11 EDO D . -0.67 -6.51 6.06
H12 EDO D . -0.09 -7.54 7.38
HO1 EDO D . 1.13 -7.80 5.40
H21 EDO D . -2.61 -7.74 5.78
H22 EDO D . -2.33 -8.07 7.48
HO2 EDO D . -2.74 -10.01 6.26
C1 EDO E . 12.80 1.12 2.99
C1 EDO E . 14.08 1.81 3.40
O1 EDO E . 12.94 1.84 1.75
O1 EDO E . 15.44 2.28 3.32
C2 EDO E . 14.17 0.73 3.52
C2 EDO E . 13.26 2.74 4.30
O2 EDO E . 14.71 -0.40 2.81
O2 EDO E . 13.33 2.26 5.64
H11 EDO E . 12.27 1.73 3.71
H11 EDO E . 14.06 0.80 3.81
H12 EDO E . 12.21 0.21 2.81
H12 EDO E . 13.64 1.77 2.41
HO1 EDO E . 12.07 2.09 1.43
HO1 EDO E . 15.97 1.66 2.79
H21 EDO E . 14.85 1.58 3.43
H21 EDO E . 12.22 2.76 3.96
H22 EDO E . 14.08 0.49 4.58
H22 EDO E . 13.66 3.76 4.24
HO2 EDO E . 15.55 -0.66 3.21
HO2 EDO E . 12.77 2.81 6.20
C1 EDO F . 3.12 -3.01 -19.54
O1 EDO F . 4.04 -3.97 -20.07
C2 EDO F . 3.89 -1.74 -19.20
O2 EDO F . 4.54 -1.24 -20.37
H11 EDO F . 2.34 -2.79 -20.27
H12 EDO F . 2.64 -3.41 -18.64
HO1 EDO F . 3.55 -4.72 -20.41
H21 EDO F . 3.19 -0.99 -18.82
H22 EDO F . 4.62 -1.95 -18.43
HO2 EDO F . 5.26 -0.65 -20.10
#